data_4LQ8
#
_entry.id   4LQ8
#
_cell.length_a   98.152
_cell.length_b   98.152
_cell.length_c   155.526
_cell.angle_alpha   90.00
_cell.angle_beta   90.00
_cell.angle_gamma   120.00
#
_symmetry.space_group_name_H-M   'P 65'
#
loop_
_entity.id
_entity.type
_entity.pdbx_description
1 polymer 'Sca-family protein'
2 water water
#
_entity_poly.entity_id   1
_entity_poly.type   'polypeptide(L)'
_entity_poly.pdbx_seq_one_letter_code
;NKEYTEEQKQTLEQEQKEFLSQTTTPELEADDGFIVTSESSAQSTPSMSALSGNISPDSQTSDPITKAVRETIIQPQKDN
LIEQILKDLAALTDRDLAEQKRKEIEEEKEKDKTLSTFFGNPANREFIDKALEKPELKKKLESIEIAGYKNVHNTFSAAS
GYPGGFKPVQWENHVSASDLRATVVKNDAGDELCTLNETTVKTKPFTLAKQDGTQVQISSYREIDFPIKLDQADGSMHLS
MVALKADGTKPSKDKAVYFTAHYEEGPNGKPQLKEISSPKPLKFAGTGDDAIAYIEHGGEIYTLAVTRGKYKEMMKEVEL
NQGQSVDLSQAEDIIIGQGQ
;
_entity_poly.pdbx_strand_id   A,B
#
# COMPACT_ATOMS: atom_id res chain seq x y z
N GLU A 29 25.82 9.30 4.69
CA GLU A 29 26.36 8.22 3.87
C GLU A 29 25.29 7.17 3.53
N ALA A 30 25.11 6.89 2.22
CA ALA A 30 24.11 5.92 1.75
C ALA A 30 24.52 4.50 2.08
N ASP A 31 23.57 3.58 2.09
CA ASP A 31 23.86 2.19 2.42
C ASP A 31 23.15 1.23 1.50
N ASP A 32 23.56 -0.05 1.53
CA ASP A 32 22.90 -1.12 0.80
C ASP A 32 21.65 -1.44 1.59
N GLY A 33 20.57 -1.75 0.90
CA GLY A 33 19.27 -2.07 1.50
C GLY A 33 18.67 -3.37 0.98
N PHE A 34 17.80 -4.00 1.80
CA PHE A 34 17.17 -5.26 1.42
C PHE A 34 15.81 -5.40 2.09
N ILE A 35 14.92 -6.15 1.45
CA ILE A 35 13.61 -6.56 1.91
C ILE A 35 13.52 -8.06 1.69
N VAL A 36 12.96 -8.78 2.67
CA VAL A 36 12.68 -10.20 2.56
C VAL A 36 11.26 -10.40 3.08
N THR A 37 10.42 -11.12 2.31
CA THR A 37 9.04 -11.46 2.70
C THR A 37 8.78 -12.94 2.38
N SER A 38 8.04 -13.64 3.26
CA SER A 38 7.66 -15.05 3.05
C SER A 38 6.25 -15.32 3.56
N ASN A 54 -8.72 -0.16 -9.49
CA ASN A 54 -7.95 0.25 -10.66
C ASN A 54 -6.49 0.68 -10.32
N ILE A 55 -6.30 1.50 -9.26
CA ILE A 55 -4.99 1.94 -8.78
C ILE A 55 -4.69 1.15 -7.50
N SER A 56 -3.54 0.47 -7.44
CA SER A 56 -3.14 -0.34 -6.28
C SER A 56 -1.62 -0.32 -6.03
N PRO A 57 -1.13 -0.65 -4.80
CA PRO A 57 0.33 -0.70 -4.58
C PRO A 57 1.01 -1.77 -5.43
N ASP A 58 0.31 -2.91 -5.67
CA ASP A 58 0.80 -4.05 -6.45
C ASP A 58 -0.05 -4.27 -7.72
N SER A 59 0.20 -5.37 -8.42
CA SER A 59 -0.56 -5.75 -9.60
C SER A 59 -0.80 -7.26 -9.52
N GLN A 60 -1.46 -7.84 -10.54
CA GLN A 60 -1.73 -9.28 -10.59
C GLN A 60 -0.44 -10.09 -10.75
N THR A 61 0.58 -9.51 -11.41
CA THR A 61 1.86 -10.17 -11.66
C THR A 61 3.04 -9.59 -10.83
N SER A 62 2.83 -8.52 -10.01
CA SER A 62 3.98 -8.01 -9.25
C SER A 62 3.65 -7.54 -7.84
N ASP A 63 4.69 -7.43 -7.01
CA ASP A 63 4.53 -6.94 -5.64
C ASP A 63 4.74 -5.39 -5.57
N PRO A 64 4.45 -4.72 -4.42
CA PRO A 64 4.59 -3.25 -4.39
C PRO A 64 5.98 -2.67 -4.64
N ILE A 65 7.05 -3.41 -4.31
CA ILE A 65 8.42 -2.92 -4.53
C ILE A 65 8.73 -2.90 -6.02
N THR A 66 8.52 -4.03 -6.71
CA THR A 66 8.75 -4.18 -8.15
C THR A 66 7.93 -3.13 -8.90
N LYS A 67 6.65 -2.97 -8.52
CA LYS A 67 5.77 -1.98 -9.13
C LYS A 67 6.32 -0.54 -8.93
N ALA A 68 6.73 -0.19 -7.69
CA ALA A 68 7.30 1.13 -7.39
C ALA A 68 8.55 1.42 -8.21
N VAL A 69 9.44 0.42 -8.37
CA VAL A 69 10.65 0.59 -9.17
C VAL A 69 10.30 0.78 -10.66
N ARG A 70 9.30 0.07 -11.18
CA ARG A 70 8.85 0.26 -12.58
C ARG A 70 8.28 1.66 -12.77
N GLU A 71 7.47 2.12 -11.81
CA GLU A 71 6.81 3.44 -11.86
C GLU A 71 7.74 4.62 -11.67
N THR A 72 8.77 4.47 -10.84
CA THR A 72 9.65 5.61 -10.50
C THR A 72 10.97 5.61 -11.23
N ILE A 73 11.44 4.42 -11.66
CA ILE A 73 12.73 4.34 -12.36
C ILE A 73 12.58 3.88 -13.82
N ILE A 74 12.14 2.61 -14.03
CA ILE A 74 12.14 1.99 -15.37
C ILE A 74 11.28 2.75 -16.39
N GLN A 75 9.98 2.96 -16.09
CA GLN A 75 9.08 3.68 -17.01
C GLN A 75 9.52 5.15 -17.21
N PRO A 76 9.83 5.96 -16.18
CA PRO A 76 10.29 7.34 -16.46
C PRO A 76 11.58 7.45 -17.28
N GLN A 77 12.50 6.49 -17.13
CA GLN A 77 13.73 6.48 -17.93
C GLN A 77 13.37 6.34 -19.40
N LYS A 78 12.46 5.38 -19.71
CA LYS A 78 11.91 5.14 -21.03
C LYS A 78 11.17 6.36 -21.55
N ASP A 79 10.37 7.02 -20.69
CA ASP A 79 9.56 8.18 -21.08
C ASP A 79 10.41 9.39 -21.44
N ASN A 80 11.43 9.71 -20.63
CA ASN A 80 12.34 10.79 -20.96
C ASN A 80 13.13 10.47 -22.22
N LEU A 81 13.54 9.20 -22.40
CA LEU A 81 14.27 8.74 -23.59
C LEU A 81 13.42 8.91 -24.86
N ILE A 82 12.17 8.46 -24.82
CA ILE A 82 11.25 8.60 -25.96
C ILE A 82 11.04 10.08 -26.33
N GLU A 83 10.86 10.95 -25.31
CA GLU A 83 10.71 12.40 -25.51
C GLU A 83 11.92 12.95 -26.27
N GLN A 84 13.15 12.51 -25.87
CA GLN A 84 14.39 12.93 -26.53
C GLN A 84 14.43 12.43 -27.98
N ILE A 85 14.03 11.15 -28.22
CA ILE A 85 13.99 10.58 -29.57
C ILE A 85 13.02 11.42 -30.43
N LEU A 86 11.81 11.73 -29.89
CA LEU A 86 10.82 12.54 -30.61
C LEU A 86 11.37 13.92 -30.95
N LYS A 87 12.15 14.54 -30.04
CA LYS A 87 12.78 15.84 -30.31
C LYS A 87 13.84 15.66 -31.42
N ASP A 88 14.68 14.62 -31.32
CA ASP A 88 15.74 14.34 -32.30
C ASP A 88 15.17 14.15 -33.71
N LEU A 89 13.98 13.55 -33.83
CA LEU A 89 13.29 13.30 -35.11
C LEU A 89 13.00 14.60 -35.86
N ALA A 90 12.81 15.72 -35.13
CA ALA A 90 12.59 17.05 -35.73
C ALA A 90 13.85 17.55 -36.45
N ALA A 91 15.04 17.14 -36.00
CA ALA A 91 16.34 17.50 -36.59
C ALA A 91 16.79 16.58 -37.73
N LEU A 92 15.97 15.57 -38.10
CA LEU A 92 16.31 14.68 -39.20
C LEU A 92 16.03 15.41 -40.51
N THR A 93 16.98 15.35 -41.46
CA THR A 93 16.80 15.95 -42.79
C THR A 93 15.80 15.10 -43.59
N ASP A 94 15.82 13.77 -43.36
CA ASP A 94 14.87 12.86 -44.01
C ASP A 94 13.54 12.95 -43.26
N ARG A 95 12.63 13.78 -43.76
CA ARG A 95 11.30 14.03 -43.19
C ARG A 95 10.35 12.85 -43.32
N ASP A 96 10.50 12.06 -44.38
CA ASP A 96 9.72 10.83 -44.60
C ASP A 96 10.05 9.84 -43.48
N LEU A 97 11.35 9.66 -43.17
CA LEU A 97 11.79 8.77 -42.10
C LEU A 97 11.37 9.31 -40.72
N ALA A 98 11.54 10.64 -40.49
CA ALA A 98 11.16 11.31 -39.22
C ALA A 98 9.69 11.09 -38.92
N GLU A 99 8.82 11.27 -39.94
CA GLU A 99 7.37 11.09 -39.80
C GLU A 99 6.98 9.62 -39.63
N GLN A 100 7.66 8.70 -40.33
CA GLN A 100 7.36 7.27 -40.19
C GLN A 100 7.71 6.80 -38.76
N LYS A 101 8.91 7.15 -38.28
CA LYS A 101 9.36 6.79 -36.95
C LYS A 101 8.46 7.36 -35.86
N ARG A 102 8.03 8.64 -36.01
CA ARG A 102 7.13 9.29 -35.05
C ARG A 102 5.81 8.52 -34.94
N LYS A 103 5.19 8.17 -36.09
CA LYS A 103 3.93 7.42 -36.13
C LYS A 103 4.10 6.06 -35.48
N GLU A 104 5.25 5.35 -35.71
CA GLU A 104 5.54 4.06 -35.10
C GLU A 104 5.58 4.17 -33.58
N ILE A 105 6.26 5.19 -33.05
CA ILE A 105 6.39 5.43 -31.60
C ILE A 105 5.01 5.71 -31.00
N GLU A 106 4.25 6.64 -31.61
CA GLU A 106 2.91 7.03 -31.13
C GLU A 106 1.91 5.91 -31.12
N GLU A 107 1.91 5.08 -32.19
CA GLU A 107 1.03 3.93 -32.32
C GLU A 107 1.35 2.86 -31.28
N GLU A 108 2.63 2.59 -31.09
CA GLU A 108 3.04 1.62 -30.09
C GLU A 108 2.74 2.07 -28.63
N LYS A 109 2.97 3.35 -28.31
CA LYS A 109 2.69 3.92 -26.99
C LYS A 109 1.23 3.69 -26.58
N GLU A 110 0.30 3.78 -27.55
CA GLU A 110 -1.15 3.58 -27.35
C GLU A 110 -1.51 2.13 -27.03
N LYS A 111 -0.74 1.18 -27.54
CA LYS A 111 -0.95 -0.25 -27.34
C LYS A 111 -0.21 -0.79 -26.10
N ASP A 112 1.04 -0.33 -25.90
CA ASP A 112 1.91 -0.79 -24.85
C ASP A 112 2.81 0.35 -24.38
N LYS A 113 2.48 0.96 -23.22
CA LYS A 113 3.26 2.05 -22.64
C LYS A 113 4.71 1.64 -22.26
N THR A 114 4.94 0.32 -22.02
CA THR A 114 6.25 -0.24 -21.69
C THR A 114 7.17 -0.31 -22.95
N LEU A 115 6.57 -0.12 -24.15
CA LEU A 115 7.26 -0.12 -25.47
C LEU A 115 8.20 -1.29 -25.68
N SER A 116 7.74 -2.48 -25.31
CA SER A 116 8.51 -3.72 -25.38
C SER A 116 8.99 -3.99 -26.85
N THR A 117 8.10 -3.83 -27.83
CA THR A 117 8.44 -4.04 -29.25
C THR A 117 9.44 -2.96 -29.73
N PHE A 118 9.21 -1.68 -29.38
CA PHE A 118 10.13 -0.60 -29.73
C PHE A 118 11.57 -0.91 -29.26
N PHE A 119 11.74 -1.23 -27.96
CA PHE A 119 13.08 -1.44 -27.40
C PHE A 119 13.74 -2.74 -27.83
N GLY A 120 12.94 -3.73 -28.22
CA GLY A 120 13.47 -4.99 -28.73
C GLY A 120 13.76 -4.98 -30.22
N ASN A 121 13.46 -3.85 -30.91
CA ASN A 121 13.66 -3.78 -32.37
C ASN A 121 15.06 -3.25 -32.68
N PRO A 122 15.97 -4.03 -33.29
CA PRO A 122 17.33 -3.50 -33.60
C PRO A 122 17.36 -2.28 -34.54
N ALA A 123 16.28 -2.04 -35.29
CA ALA A 123 16.21 -0.84 -36.16
C ALA A 123 16.08 0.46 -35.35
N ASN A 124 15.74 0.38 -34.03
CA ASN A 124 15.64 1.58 -33.18
C ASN A 124 16.91 1.91 -32.42
N ARG A 125 17.91 1.03 -32.48
CA ARG A 125 19.17 1.18 -31.75
C ARG A 125 19.89 2.49 -32.04
N GLU A 126 20.01 2.90 -33.30
CA GLU A 126 20.68 4.17 -33.64
C GLU A 126 19.93 5.39 -33.07
N PHE A 127 18.58 5.36 -33.09
CA PHE A 127 17.75 6.43 -32.53
C PHE A 127 17.93 6.49 -31.02
N ILE A 128 17.95 5.30 -30.37
CA ILE A 128 18.11 5.17 -28.91
C ILE A 128 19.49 5.71 -28.53
N ASP A 129 20.55 5.23 -29.22
CA ASP A 129 21.94 5.61 -28.99
C ASP A 129 22.20 7.08 -29.17
N LYS A 130 21.62 7.70 -30.22
CA LYS A 130 21.80 9.14 -30.46
C LYS A 130 21.10 9.99 -29.38
N ALA A 131 19.95 9.53 -28.86
CA ALA A 131 19.23 10.25 -27.82
C ALA A 131 19.99 10.15 -26.49
N LEU A 132 20.53 8.95 -26.17
CA LEU A 132 21.28 8.66 -24.94
C LEU A 132 22.58 9.46 -24.77
N GLU A 133 23.15 9.98 -25.86
CA GLU A 133 24.37 10.79 -25.81
C GLU A 133 24.05 12.28 -25.60
N LYS A 134 22.76 12.66 -25.48
CA LYS A 134 22.41 14.06 -25.26
C LYS A 134 22.55 14.40 -23.77
N PRO A 135 23.42 15.39 -23.42
CA PRO A 135 23.55 15.80 -22.00
C PRO A 135 22.24 16.29 -21.39
N GLU A 136 21.34 16.92 -22.19
CA GLU A 136 20.04 17.38 -21.68
C GLU A 136 19.17 16.21 -21.20
N LEU A 137 19.22 15.05 -21.91
CA LEU A 137 18.51 13.85 -21.48
C LEU A 137 19.18 13.30 -20.23
N LYS A 138 20.53 13.17 -20.24
CA LYS A 138 21.28 12.65 -19.11
C LYS A 138 20.95 13.38 -17.81
N LYS A 139 20.86 14.71 -17.86
CA LYS A 139 20.51 15.59 -16.74
C LYS A 139 19.12 15.19 -16.17
N LYS A 140 18.11 14.95 -17.07
CA LYS A 140 16.77 14.55 -16.70
C LYS A 140 16.79 13.17 -16.02
N LEU A 141 17.48 12.21 -16.63
CA LEU A 141 17.58 10.86 -16.08
C LEU A 141 18.17 10.88 -14.68
N GLU A 142 19.25 11.65 -14.51
CA GLU A 142 19.91 11.79 -13.22
C GLU A 142 18.98 12.29 -12.10
N SER A 143 18.22 13.38 -12.34
CA SER A 143 17.35 13.91 -11.29
C SER A 143 16.20 12.95 -10.97
N ILE A 144 15.64 12.25 -11.97
CA ILE A 144 14.56 11.31 -11.68
C ILE A 144 15.10 10.05 -11.00
N GLU A 145 16.36 9.68 -11.27
CA GLU A 145 16.98 8.51 -10.63
C GLU A 145 17.23 8.75 -9.15
N ILE A 146 17.84 9.89 -8.79
CA ILE A 146 18.13 10.27 -7.40
C ILE A 146 16.81 10.37 -6.60
N ALA A 147 15.82 11.10 -7.15
CA ALA A 147 14.51 11.28 -6.51
C ALA A 147 13.75 9.96 -6.47
N GLY A 148 13.84 9.17 -7.53
CA GLY A 148 13.18 7.88 -7.67
C GLY A 148 13.63 6.89 -6.61
N TYR A 149 14.97 6.71 -6.46
CA TYR A 149 15.53 5.79 -5.47
C TYR A 149 15.19 6.25 -4.05
N LYS A 150 15.26 7.57 -3.79
CA LYS A 150 14.93 8.16 -2.48
C LYS A 150 13.47 7.89 -2.13
N ASN A 151 12.56 8.07 -3.11
CA ASN A 151 11.14 7.85 -2.88
C ASN A 151 10.81 6.39 -2.64
N VAL A 152 11.48 5.47 -3.36
CA VAL A 152 11.27 4.02 -3.15
C VAL A 152 11.75 3.63 -1.74
N HIS A 153 13.00 3.99 -1.41
CA HIS A 153 13.56 3.69 -0.09
C HIS A 153 12.77 4.36 1.03
N ASN A 154 12.29 5.60 0.86
CA ASN A 154 11.49 6.24 1.91
C ASN A 154 10.07 5.66 2.04
N THR A 155 9.42 5.25 0.93
CA THR A 155 8.08 4.65 0.95
C THR A 155 8.08 3.26 1.63
N PHE A 156 9.10 2.44 1.36
CA PHE A 156 9.16 1.06 1.83
C PHE A 156 10.23 0.80 2.87
N SER A 157 10.71 1.84 3.55
CA SER A 157 11.73 1.75 4.59
C SER A 157 11.10 1.18 5.85
N ALA A 158 11.86 0.33 6.59
CA ALA A 158 11.38 -0.19 7.89
C ALA A 158 11.36 0.99 8.86
N ALA A 159 12.31 1.96 8.70
CA ALA A 159 12.42 3.18 9.52
C ALA A 159 11.17 4.04 9.37
N SER A 160 10.58 4.09 8.14
CA SER A 160 9.34 4.80 7.80
C SER A 160 8.12 4.10 8.38
N GLY A 161 8.30 2.88 8.87
CA GLY A 161 7.21 2.13 9.46
C GLY A 161 6.62 1.06 8.57
N TYR A 162 7.26 0.77 7.42
CA TYR A 162 6.76 -0.30 6.55
C TYR A 162 7.19 -1.66 7.13
N PRO A 163 6.22 -2.53 7.54
CA PRO A 163 6.62 -3.83 8.13
C PRO A 163 7.39 -4.67 7.13
N GLY A 164 8.52 -5.20 7.57
CA GLY A 164 9.44 -5.98 6.73
C GLY A 164 10.12 -5.13 5.67
N GLY A 165 10.10 -3.81 5.89
CA GLY A 165 10.66 -2.81 4.97
C GLY A 165 12.17 -2.80 4.85
N PHE A 166 12.69 -1.98 3.92
CA PHE A 166 14.12 -1.84 3.65
C PHE A 166 14.89 -1.55 4.93
N LYS A 167 15.93 -2.33 5.13
CA LYS A 167 16.85 -2.22 6.24
C LYS A 167 18.27 -2.28 5.65
N PRO A 168 19.30 -1.70 6.32
CA PRO A 168 20.65 -1.81 5.78
C PRO A 168 21.10 -3.28 5.71
N VAL A 169 21.81 -3.64 4.63
CA VAL A 169 22.34 -5.00 4.46
C VAL A 169 23.40 -5.23 5.55
N GLN A 170 23.34 -6.37 6.24
CA GLN A 170 24.31 -6.67 7.29
C GLN A 170 25.41 -7.56 6.71
N TRP A 171 26.42 -6.92 6.08
CA TRP A 171 27.57 -7.61 5.49
C TRP A 171 28.50 -8.04 6.59
N GLU A 172 28.96 -9.30 6.52
CA GLU A 172 29.92 -9.85 7.45
C GLU A 172 31.21 -10.08 6.70
N ASN A 173 32.31 -9.54 7.22
CA ASN A 173 33.64 -9.69 6.67
C ASN A 173 34.01 -11.16 6.71
N HIS A 174 34.61 -11.66 5.61
CA HIS A 174 35.06 -13.04 5.52
C HIS A 174 36.17 -13.27 6.55
N VAL A 175 36.19 -14.46 7.14
CA VAL A 175 37.11 -14.86 8.18
C VAL A 175 38.57 -14.99 7.69
N SER A 176 38.78 -15.41 6.43
CA SER A 176 40.13 -15.65 5.89
C SER A 176 40.44 -14.93 4.57
N ALA A 177 39.42 -14.49 3.82
CA ALA A 177 39.62 -13.79 2.55
C ALA A 177 39.34 -12.31 2.75
N SER A 178 40.40 -11.48 2.72
CA SER A 178 40.34 -10.02 2.94
C SER A 178 39.48 -9.23 1.92
N ASP A 179 39.29 -9.76 0.70
CA ASP A 179 38.51 -9.11 -0.36
C ASP A 179 37.03 -9.55 -0.36
N LEU A 180 36.61 -10.36 0.62
CA LEU A 180 35.23 -10.85 0.62
C LEU A 180 34.42 -10.46 1.81
N ARG A 181 33.10 -10.27 1.56
CA ARG A 181 32.06 -10.08 2.57
C ARG A 181 30.89 -10.92 2.07
N ALA A 182 30.04 -11.34 2.99
CA ALA A 182 28.90 -12.16 2.66
C ALA A 182 27.75 -11.79 3.56
N THR A 183 26.52 -12.02 3.07
CA THR A 183 25.31 -11.81 3.85
C THR A 183 24.32 -12.93 3.59
N VAL A 184 23.84 -13.57 4.65
CA VAL A 184 22.86 -14.66 4.57
C VAL A 184 21.48 -13.99 4.60
N VAL A 185 20.77 -14.08 3.48
CA VAL A 185 19.45 -13.49 3.35
C VAL A 185 18.42 -14.52 3.85
N LYS A 186 17.76 -14.23 4.97
CA LYS A 186 16.83 -15.15 5.60
C LYS A 186 15.37 -14.67 5.58
N ASN A 187 14.41 -15.58 5.36
CA ASN A 187 12.98 -15.23 5.40
C ASN A 187 12.44 -15.11 6.84
N ASP A 188 11.15 -14.78 6.97
CA ASP A 188 10.44 -14.60 8.25
C ASP A 188 10.57 -15.79 9.20
N ALA A 189 10.62 -17.02 8.64
CA ALA A 189 10.79 -18.27 9.39
C ALA A 189 12.26 -18.55 9.77
N GLY A 190 13.18 -17.71 9.29
CA GLY A 190 14.61 -17.84 9.58
C GLY A 190 15.37 -18.77 8.64
N ASP A 191 14.74 -19.18 7.52
CA ASP A 191 15.36 -20.05 6.53
C ASP A 191 16.05 -19.21 5.46
N GLU A 192 17.24 -19.65 5.03
CA GLU A 192 18.05 -18.96 4.04
C GLU A 192 17.46 -19.00 2.61
N LEU A 193 17.19 -17.81 2.05
CA LEU A 193 16.71 -17.65 0.68
C LEU A 193 17.93 -17.79 -0.25
N CYS A 194 19.08 -17.20 0.17
CA CYS A 194 20.37 -17.22 -0.51
C CYS A 194 21.41 -16.54 0.39
N THR A 195 22.69 -16.65 0.01
CA THR A 195 23.77 -15.93 0.65
C THR A 195 24.40 -15.10 -0.47
N LEU A 196 24.60 -13.80 -0.22
CA LEU A 196 25.17 -12.93 -1.25
C LEU A 196 26.66 -12.76 -1.00
N ASN A 197 27.48 -12.95 -2.05
CA ASN A 197 28.92 -12.80 -1.98
C ASN A 197 29.33 -11.46 -2.60
N GLU A 198 30.05 -10.64 -1.84
CA GLU A 198 30.56 -9.36 -2.31
C GLU A 198 32.10 -9.48 -2.42
N THR A 199 32.63 -9.32 -3.65
CA THR A 199 34.07 -9.35 -3.89
C THR A 199 34.53 -7.93 -4.13
N THR A 200 35.48 -7.45 -3.32
CA THR A 200 36.04 -6.12 -3.51
C THR A 200 37.37 -6.31 -4.30
N VAL A 201 37.55 -5.56 -5.40
CA VAL A 201 38.76 -5.64 -6.20
C VAL A 201 39.55 -4.36 -5.88
N LYS A 202 40.73 -4.51 -5.26
CA LYS A 202 41.60 -3.41 -4.82
C LYS A 202 42.95 -3.48 -5.51
N THR A 203 43.21 -4.54 -6.29
CA THR A 203 44.52 -4.75 -6.93
C THR A 203 44.50 -4.74 -8.45
N LYS A 204 43.42 -4.25 -9.05
CA LYS A 204 43.34 -4.16 -10.50
C LYS A 204 42.95 -2.71 -10.91
N PRO A 205 43.85 -1.71 -10.71
CA PRO A 205 43.46 -0.34 -11.11
C PRO A 205 43.30 -0.22 -12.62
N PHE A 206 42.42 0.68 -13.04
CA PHE A 206 42.20 0.98 -14.43
C PHE A 206 41.71 2.41 -14.55
N THR A 207 41.87 3.00 -15.72
CA THR A 207 41.41 4.36 -16.03
C THR A 207 40.30 4.30 -17.08
N LEU A 208 39.27 5.11 -16.86
CA LEU A 208 38.18 5.26 -17.80
C LEU A 208 38.07 6.75 -18.17
N ALA A 209 37.19 7.09 -19.10
CA ALA A 209 37.03 8.49 -19.47
C ALA A 209 35.59 8.91 -19.30
N LYS A 210 35.37 10.14 -18.83
CA LYS A 210 34.04 10.75 -18.74
C LYS A 210 33.67 11.14 -20.19
N GLN A 211 32.37 11.43 -20.45
CA GLN A 211 31.91 11.82 -21.80
C GLN A 211 32.72 13.01 -22.37
N ASP A 212 33.19 13.93 -21.51
CA ASP A 212 33.99 15.09 -21.88
C ASP A 212 35.51 14.79 -22.08
N GLY A 213 35.90 13.51 -21.96
CA GLY A 213 37.28 13.09 -22.14
C GLY A 213 38.14 13.04 -20.89
N THR A 214 37.70 13.65 -19.77
CA THR A 214 38.42 13.63 -18.47
C THR A 214 38.69 12.18 -18.04
N GLN A 215 39.96 11.87 -17.70
CA GLN A 215 40.41 10.54 -17.25
C GLN A 215 40.18 10.37 -15.74
N VAL A 216 39.61 9.23 -15.33
CA VAL A 216 39.36 8.96 -13.92
C VAL A 216 39.94 7.57 -13.60
N GLN A 217 40.79 7.48 -12.56
CA GLN A 217 41.29 6.20 -12.14
C GLN A 217 40.33 5.57 -11.14
N ILE A 218 39.99 4.29 -11.36
CA ILE A 218 39.18 3.49 -10.46
C ILE A 218 40.19 2.68 -9.67
N SER A 219 40.37 3.01 -8.41
CA SER A 219 41.35 2.29 -7.58
C SER A 219 40.72 1.15 -6.78
N SER A 220 39.37 1.10 -6.72
CA SER A 220 38.69 0.00 -6.02
C SER A 220 37.25 -0.05 -6.49
N TYR A 221 36.70 -1.27 -6.60
CA TYR A 221 35.30 -1.49 -6.97
C TYR A 221 34.87 -2.82 -6.38
N ARG A 222 33.56 -3.11 -6.40
CA ARG A 222 33.08 -4.38 -5.89
C ARG A 222 32.14 -5.02 -6.90
N GLU A 223 31.95 -6.31 -6.76
CA GLU A 223 30.97 -7.01 -7.59
C GLU A 223 30.22 -7.99 -6.70
N ILE A 224 28.90 -8.04 -6.87
CA ILE A 224 28.09 -8.98 -6.10
C ILE A 224 27.61 -10.10 -7.00
N ASP A 225 27.73 -11.34 -6.52
CA ASP A 225 27.32 -12.49 -7.30
C ASP A 225 25.80 -12.73 -7.17
N PHE A 226 24.99 -11.86 -7.77
CA PHE A 226 23.53 -11.93 -7.68
C PHE A 226 23.01 -13.28 -8.21
N PRO A 227 22.13 -13.99 -7.45
CA PRO A 227 21.63 -15.27 -7.97
C PRO A 227 20.66 -15.06 -9.14
N ILE A 228 20.66 -15.99 -10.09
CA ILE A 228 19.77 -15.96 -11.27
C ILE A 228 18.55 -16.78 -10.92
N LYS A 229 18.77 -18.04 -10.54
CA LYS A 229 17.74 -18.97 -10.14
C LYS A 229 18.02 -19.45 -8.72
N LEU A 230 17.01 -19.38 -7.85
CA LEU A 230 17.17 -19.75 -6.46
C LEU A 230 16.47 -21.07 -6.19
N ASP A 231 17.08 -21.93 -5.38
CA ASP A 231 16.54 -23.24 -5.05
C ASP A 231 16.64 -23.54 -3.54
N GLN A 232 16.54 -22.50 -2.69
CA GLN A 232 16.63 -22.68 -1.24
C GLN A 232 15.25 -22.40 -0.59
N ALA A 233 15.15 -21.52 0.42
CA ALA A 233 13.87 -21.20 1.07
C ALA A 233 12.93 -20.41 0.16
N ASP A 234 11.63 -20.51 0.45
CA ASP A 234 10.56 -19.82 -0.25
C ASP A 234 10.53 -18.34 0.12
N GLY A 235 9.99 -17.51 -0.77
CA GLY A 235 9.82 -16.08 -0.50
C GLY A 235 10.21 -15.13 -1.60
N SER A 236 10.20 -13.84 -1.26
CA SER A 236 10.54 -12.71 -2.12
C SER A 236 11.72 -11.99 -1.50
N MET A 237 12.46 -11.26 -2.33
CA MET A 237 13.65 -10.55 -1.89
C MET A 237 13.91 -9.37 -2.82
N HIS A 238 14.17 -8.20 -2.24
CA HIS A 238 14.50 -7.01 -3.03
C HIS A 238 15.82 -6.46 -2.52
N LEU A 239 16.74 -6.19 -3.44
CA LEU A 239 18.08 -5.73 -3.10
C LEU A 239 18.36 -4.41 -3.71
N SER A 240 19.01 -3.54 -2.95
N SER A 240 18.99 -3.50 -2.94
CA SER A 240 19.40 -2.21 -3.39
CA SER A 240 19.38 -2.16 -3.38
C SER A 240 20.84 -2.03 -3.00
C SER A 240 20.84 -1.97 -3.01
N MET A 241 21.74 -2.08 -3.99
CA MET A 241 23.18 -1.96 -3.79
C MET A 241 23.67 -0.62 -4.29
N VAL A 242 24.21 0.18 -3.37
CA VAL A 242 24.66 1.54 -3.68
C VAL A 242 25.89 1.54 -4.63
N ALA A 243 25.95 2.56 -5.48
CA ALA A 243 27.05 2.82 -6.39
C ALA A 243 28.26 3.22 -5.53
N LEU A 244 29.47 2.89 -5.96
CA LEU A 244 30.66 3.29 -5.21
C LEU A 244 31.41 4.34 -5.98
N LYS A 245 32.07 5.26 -5.27
CA LYS A 245 32.92 6.28 -5.87
C LYS A 245 34.19 5.61 -6.44
N ALA A 246 34.99 6.35 -7.24
CA ALA A 246 36.24 5.83 -7.87
C ALA A 246 37.24 5.20 -6.88
N ASP A 247 37.24 5.65 -5.61
CA ASP A 247 38.16 5.11 -4.59
C ASP A 247 37.51 3.99 -3.75
N GLY A 248 36.35 3.52 -4.18
CA GLY A 248 35.62 2.45 -3.52
C GLY A 248 34.81 2.82 -2.29
N THR A 249 34.65 4.13 -2.01
CA THR A 249 33.86 4.56 -0.85
C THR A 249 32.41 4.87 -1.27
N LYS A 250 31.49 4.85 -0.30
CA LYS A 250 30.07 5.10 -0.55
C LYS A 250 29.78 6.58 -0.75
N PRO A 251 28.84 6.97 -1.64
CA PRO A 251 28.55 8.40 -1.80
C PRO A 251 27.62 8.86 -0.67
N SER A 252 27.31 10.16 -0.62
CA SER A 252 26.36 10.63 0.36
C SER A 252 24.93 10.25 -0.11
N LYS A 253 23.98 10.16 0.83
CA LYS A 253 22.57 9.85 0.60
C LYS A 253 21.97 10.73 -0.50
N ASP A 254 22.36 12.02 -0.55
CA ASP A 254 21.84 13.00 -1.53
C ASP A 254 22.27 12.77 -2.98
N LYS A 255 23.40 12.09 -3.21
CA LYS A 255 23.95 11.83 -4.54
C LYS A 255 23.86 10.35 -4.94
N ALA A 256 23.39 9.51 -4.02
CA ALA A 256 23.34 8.05 -4.16
C ALA A 256 22.41 7.50 -5.21
N VAL A 257 22.93 6.62 -6.05
CA VAL A 257 22.17 5.85 -7.03
C VAL A 257 22.48 4.38 -6.75
N TYR A 258 21.65 3.47 -7.24
CA TYR A 258 21.73 2.05 -6.91
C TYR A 258 21.51 1.12 -8.08
N PHE A 259 21.99 -0.12 -7.91
CA PHE A 259 21.67 -1.23 -8.76
C PHE A 259 20.66 -2.01 -7.93
N THR A 260 19.45 -2.24 -8.46
CA THR A 260 18.42 -2.96 -7.71
C THR A 260 18.09 -4.26 -8.40
N ALA A 261 17.64 -5.27 -7.63
CA ALA A 261 17.25 -6.58 -8.13
C ALA A 261 16.02 -7.03 -7.35
N HIS A 262 15.00 -7.49 -8.09
CA HIS A 262 13.66 -7.80 -7.58
C HIS A 262 13.27 -9.22 -7.84
N TYR A 263 13.19 -9.99 -6.77
CA TYR A 263 12.88 -11.41 -6.79
C TYR A 263 11.55 -11.63 -6.10
N GLU A 264 10.59 -12.19 -6.82
CA GLU A 264 9.26 -12.43 -6.24
C GLU A 264 9.01 -13.91 -6.17
N GLU A 265 8.26 -14.34 -5.15
CA GLU A 265 7.88 -15.75 -4.96
C GLU A 265 7.23 -16.29 -6.23
N GLY A 266 7.91 -17.27 -6.85
CA GLY A 266 7.45 -17.91 -8.07
C GLY A 266 6.39 -18.98 -7.84
N PRO A 267 6.01 -19.75 -8.90
CA PRO A 267 4.98 -20.80 -8.72
C PRO A 267 5.39 -21.94 -7.78
N ASN A 268 6.70 -22.28 -7.75
CA ASN A 268 7.29 -23.33 -6.91
C ASN A 268 7.60 -22.83 -5.47
N GLY A 269 7.36 -21.54 -5.21
CA GLY A 269 7.62 -20.88 -3.92
C GLY A 269 8.95 -20.18 -3.87
N LYS A 270 9.87 -20.53 -4.78
CA LYS A 270 11.21 -19.97 -4.82
C LYS A 270 11.25 -18.53 -5.35
N PRO A 271 12.17 -17.66 -4.84
CA PRO A 271 12.29 -16.29 -5.39
C PRO A 271 12.69 -16.36 -6.86
N GLN A 272 11.97 -15.60 -7.69
CA GLN A 272 12.17 -15.57 -9.13
C GLN A 272 12.55 -14.14 -9.54
N LEU A 273 13.67 -13.98 -10.28
CA LEU A 273 14.12 -12.66 -10.71
C LEU A 273 13.15 -12.06 -11.72
N LYS A 274 12.42 -10.99 -11.31
CA LYS A 274 11.40 -10.36 -12.15
C LYS A 274 11.84 -9.06 -12.76
N GLU A 275 12.77 -8.38 -12.07
CA GLU A 275 13.16 -7.05 -12.51
C GLU A 275 14.47 -6.65 -11.91
N ILE A 276 15.15 -5.74 -12.61
CA ILE A 276 16.37 -5.07 -12.16
C ILE A 276 16.23 -3.60 -12.54
N SER A 277 17.07 -2.75 -11.98
CA SER A 277 17.13 -1.35 -12.38
C SER A 277 18.50 -0.79 -12.07
N SER A 278 18.82 0.32 -12.72
CA SER A 278 20.04 1.05 -12.48
C SER A 278 19.92 2.42 -13.11
N PRO A 279 20.82 3.39 -12.77
CA PRO A 279 20.89 4.62 -13.56
C PRO A 279 21.20 4.26 -15.03
N LYS A 280 20.70 5.06 -15.98
CA LYS A 280 20.88 4.82 -17.41
C LYS A 280 21.43 6.06 -18.15
N PRO A 281 22.18 5.92 -19.27
CA PRO A 281 22.65 4.64 -19.87
C PRO A 281 23.72 4.02 -18.95
N LEU A 282 23.76 2.70 -18.89
CA LEU A 282 24.75 1.98 -18.09
C LEU A 282 26.02 1.74 -18.94
N LYS A 283 27.21 1.99 -18.39
CA LYS A 283 28.45 1.70 -19.11
C LYS A 283 29.13 0.48 -18.48
N PHE A 284 30.04 -0.15 -19.22
CA PHE A 284 30.87 -1.26 -18.75
C PHE A 284 32.30 -0.89 -19.04
N ALA A 285 33.15 -1.11 -18.03
CA ALA A 285 34.57 -0.80 -18.09
C ALA A 285 35.30 -1.94 -18.83
N GLY A 286 35.23 -1.93 -20.15
CA GLY A 286 35.83 -2.98 -20.98
C GLY A 286 34.73 -3.77 -21.69
N THR A 287 35.11 -4.76 -22.48
CA THR A 287 34.28 -5.59 -23.38
C THR A 287 33.97 -7.00 -22.84
N GLY A 288 34.82 -7.50 -21.95
CA GLY A 288 34.67 -8.83 -21.40
C GLY A 288 33.53 -8.96 -20.40
N ASP A 289 33.26 -10.19 -20.00
CA ASP A 289 32.22 -10.55 -19.03
C ASP A 289 32.54 -10.04 -17.63
N ASP A 290 33.83 -9.79 -17.35
CA ASP A 290 34.31 -9.31 -16.05
C ASP A 290 34.29 -7.78 -15.97
N ALA A 291 33.95 -7.09 -17.09
CA ALA A 291 33.91 -5.62 -17.13
C ALA A 291 32.85 -5.09 -16.10
N ILE A 292 33.29 -4.20 -15.20
CA ILE A 292 32.43 -3.67 -14.16
C ILE A 292 31.51 -2.58 -14.71
N ALA A 293 30.27 -2.55 -14.21
CA ALA A 293 29.30 -1.53 -14.61
C ALA A 293 29.75 -0.22 -14.01
N TYR A 294 29.59 0.87 -14.75
CA TYR A 294 29.88 2.20 -14.23
C TYR A 294 28.92 3.20 -14.84
N ILE A 295 28.83 4.36 -14.20
CA ILE A 295 27.99 5.48 -14.63
C ILE A 295 28.71 6.78 -14.30
N GLU A 296 28.36 7.80 -15.04
CA GLU A 296 28.76 9.18 -14.80
C GLU A 296 27.45 9.73 -14.24
N HIS A 297 27.47 10.39 -13.08
CA HIS A 297 26.28 10.90 -12.42
C HIS A 297 26.66 12.14 -11.65
N GLY A 298 26.01 13.26 -11.95
CA GLY A 298 26.32 14.55 -11.35
C GLY A 298 27.76 14.97 -11.60
N GLY A 299 28.30 14.59 -12.76
CA GLY A 299 29.69 14.89 -13.12
C GLY A 299 30.75 14.00 -12.47
N GLU A 300 30.34 12.96 -11.70
CA GLU A 300 31.27 12.04 -11.03
C GLU A 300 31.09 10.64 -11.57
N ILE A 301 32.13 9.82 -11.44
CA ILE A 301 32.12 8.42 -11.86
C ILE A 301 31.84 7.53 -10.68
N TYR A 302 30.97 6.56 -10.87
CA TYR A 302 30.65 5.56 -9.87
C TYR A 302 30.64 4.22 -10.56
N THR A 303 30.97 3.14 -9.83
CA THR A 303 30.84 1.79 -10.36
C THR A 303 29.62 1.19 -9.67
N LEU A 304 28.99 0.20 -10.33
CA LEU A 304 27.90 -0.54 -9.72
C LEU A 304 28.43 -1.94 -9.43
N ALA A 305 27.76 -2.71 -8.54
CA ALA A 305 28.24 -4.03 -8.08
C ALA A 305 27.87 -5.17 -9.01
N VAL A 306 27.86 -4.91 -10.30
CA VAL A 306 27.46 -5.92 -11.29
C VAL A 306 28.42 -5.91 -12.49
N THR A 307 28.86 -7.08 -12.90
CA THR A 307 29.77 -7.16 -14.05
C THR A 307 28.90 -7.28 -15.30
N ARG A 308 29.51 -7.14 -16.48
CA ARG A 308 28.79 -7.29 -17.74
C ARG A 308 28.15 -8.68 -17.92
N GLY A 309 28.91 -9.71 -17.58
CA GLY A 309 28.42 -11.09 -17.68
C GLY A 309 27.24 -11.30 -16.76
N LYS A 310 27.32 -10.82 -15.51
CA LYS A 310 26.21 -10.95 -14.57
C LYS A 310 24.98 -10.13 -15.05
N TYR A 311 25.22 -8.91 -15.52
CA TYR A 311 24.16 -8.04 -16.02
C TYR A 311 23.41 -8.69 -17.18
N LYS A 312 24.14 -9.27 -18.16
CA LYS A 312 23.53 -9.98 -19.30
C LYS A 312 22.73 -11.20 -18.83
N GLU A 313 23.23 -11.98 -17.86
CA GLU A 313 22.50 -13.14 -17.31
C GLU A 313 21.19 -12.69 -16.63
N MET A 314 21.26 -11.59 -15.83
CA MET A 314 20.10 -11.02 -15.13
C MET A 314 19.13 -10.44 -16.12
N MET A 315 19.61 -9.72 -17.13
CA MET A 315 18.74 -9.17 -18.20
C MET A 315 17.98 -10.31 -18.90
N LYS A 316 18.68 -11.39 -19.26
CA LYS A 316 18.08 -12.59 -19.87
C LYS A 316 16.96 -13.21 -19.00
N GLU A 317 17.18 -13.41 -17.69
CA GLU A 317 16.20 -13.98 -16.76
C GLU A 317 14.97 -13.04 -16.59
N VAL A 318 15.21 -11.72 -16.45
CA VAL A 318 14.19 -10.68 -16.33
C VAL A 318 13.25 -10.75 -17.56
N GLU A 319 13.82 -10.81 -18.78
CA GLU A 319 13.07 -10.88 -20.03
C GLU A 319 12.23 -12.16 -20.12
N LEU A 320 12.82 -13.32 -19.73
CA LEU A 320 12.11 -14.60 -19.72
C LEU A 320 10.92 -14.57 -18.74
N ASN A 321 11.04 -13.75 -17.65
CA ASN A 321 10.01 -13.61 -16.62
C ASN A 321 9.10 -12.40 -16.86
N GLN A 322 9.08 -11.91 -18.12
CA GLN A 322 8.23 -10.83 -18.64
C GLN A 322 8.46 -9.48 -17.95
N GLY A 323 9.70 -9.21 -17.55
CA GLY A 323 10.05 -7.95 -16.92
C GLY A 323 10.03 -6.80 -17.91
N GLN A 324 10.08 -5.58 -17.40
CA GLN A 324 10.02 -4.38 -18.23
C GLN A 324 11.38 -3.76 -18.50
N SER A 325 12.43 -4.21 -17.80
CA SER A 325 13.77 -3.67 -17.98
C SER A 325 14.21 -3.76 -19.44
N VAL A 326 14.85 -2.68 -19.90
CA VAL A 326 15.44 -2.65 -21.24
C VAL A 326 16.95 -2.44 -21.03
N ASP A 327 17.76 -3.02 -21.91
CA ASP A 327 19.21 -3.07 -21.75
C ASP A 327 19.87 -1.68 -21.55
N LEU A 328 19.75 -0.78 -22.52
CA LEU A 328 20.30 0.60 -22.45
C LEU A 328 21.75 0.66 -21.88
N SER A 329 22.65 -0.17 -22.39
CA SER A 329 24.02 -0.23 -21.91
C SER A 329 25.05 -0.26 -23.04
N GLN A 330 26.28 0.18 -22.74
CA GLN A 330 27.35 0.21 -23.75
C GLN A 330 28.68 -0.13 -23.09
N ALA A 331 29.43 -1.04 -23.72
CA ALA A 331 30.78 -1.36 -23.28
C ALA A 331 31.65 -0.18 -23.74
N GLU A 332 32.54 0.27 -22.86
CA GLU A 332 33.39 1.42 -23.18
C GLU A 332 34.83 1.04 -23.03
N ASP A 333 35.70 1.84 -23.63
CA ASP A 333 37.15 1.62 -23.62
C ASP A 333 37.77 1.98 -22.27
N ILE A 334 38.78 1.22 -21.86
CA ILE A 334 39.51 1.48 -20.61
C ILE A 334 40.99 1.18 -20.79
N ILE A 335 41.82 1.67 -19.86
CA ILE A 335 43.25 1.41 -19.79
C ILE A 335 43.45 0.63 -18.49
N ILE A 336 43.92 -0.61 -18.58
CA ILE A 336 44.12 -1.43 -17.39
C ILE A 336 45.57 -1.28 -16.94
N GLY A 337 45.76 -0.92 -15.67
CA GLY A 337 47.11 -0.76 -15.12
C GLY A 337 47.25 0.55 -14.37
N GLN A 338 48.47 0.99 -14.10
CA GLN A 338 48.56 2.23 -13.37
C GLN A 338 48.61 3.50 -14.23
N GLY A 339 48.70 3.30 -15.55
CA GLY A 339 48.79 4.38 -16.54
C GLY A 339 47.55 5.18 -16.87
N GLN A 340 47.78 6.49 -17.15
CA GLN A 340 46.79 7.52 -17.50
C GLN A 340 45.60 7.59 -16.52
N GLU B 29 -6.07 -13.49 17.78
CA GLU B 29 -6.80 -12.40 18.46
C GLU B 29 -6.81 -11.13 17.62
N ALA B 30 -8.02 -10.59 17.36
CA ALA B 30 -8.19 -9.38 16.57
C ALA B 30 -7.70 -8.14 17.31
N ASP B 31 -7.41 -7.06 16.58
CA ASP B 31 -6.90 -5.84 17.19
C ASP B 31 -7.55 -4.62 16.59
N ASP B 32 -7.36 -3.46 17.24
CA ASP B 32 -7.82 -2.17 16.76
C ASP B 32 -6.78 -1.75 15.71
N GLY B 33 -7.24 -1.11 14.64
CA GLY B 33 -6.39 -0.63 13.56
C GLY B 33 -6.64 0.85 13.23
N PHE B 34 -5.63 1.46 12.63
CA PHE B 34 -5.71 2.87 12.23
C PHE B 34 -4.83 3.14 11.02
N ILE B 35 -5.21 4.15 10.25
CA ILE B 35 -4.50 4.70 9.09
C ILE B 35 -4.48 6.19 9.28
N VAL B 36 -3.32 6.82 9.03
CA VAL B 36 -3.18 8.28 9.04
C VAL B 36 -2.44 8.65 7.78
N THR B 37 -2.95 9.63 7.01
CA THR B 37 -2.29 10.16 5.81
C THR B 37 -2.35 11.69 5.85
N SER B 38 -1.28 12.37 5.40
CA SER B 38 -1.21 13.83 5.30
C SER B 38 -0.46 14.27 4.05
N GLN B 43 5.43 7.66 1.81
CA GLN B 43 4.63 7.00 0.76
C GLN B 43 4.47 7.98 -0.43
N SER B 44 5.59 8.26 -1.10
CA SER B 44 5.70 9.25 -2.16
C SER B 44 5.82 8.69 -3.60
N THR B 45 5.75 7.33 -3.79
CA THR B 45 5.84 6.72 -5.13
C THR B 45 4.50 6.95 -5.89
N PRO B 46 4.46 6.99 -7.26
CA PRO B 46 3.21 7.34 -7.97
C PRO B 46 1.93 6.68 -7.45
N SER B 47 1.79 5.34 -7.53
CA SER B 47 0.61 4.64 -7.06
C SER B 47 0.26 4.94 -5.61
N MET B 48 1.27 5.05 -4.71
CA MET B 48 1.02 5.38 -3.30
C MET B 48 0.58 6.83 -3.13
N SER B 49 1.13 7.75 -3.95
CA SER B 49 0.80 9.17 -3.98
C SER B 49 -0.66 9.33 -4.39
N ALA B 50 -1.09 8.62 -5.46
CA ALA B 50 -2.47 8.60 -5.94
C ALA B 50 -3.44 8.12 -4.84
N LEU B 51 -3.14 6.97 -4.21
CA LEU B 51 -3.93 6.35 -3.14
C LEU B 51 -3.95 7.18 -1.83
N SER B 52 -2.90 8.01 -1.56
CA SER B 52 -2.82 8.82 -0.34
C SER B 52 -3.74 10.06 -0.37
N SER B 59 -11.89 13.58 -10.87
CA SER B 59 -11.38 13.91 -9.55
C SER B 59 -11.95 12.99 -8.46
N GLN B 60 -11.23 12.87 -7.34
CA GLN B 60 -11.60 12.01 -6.21
C GLN B 60 -12.65 12.66 -5.30
N THR B 61 -13.69 11.89 -4.94
CA THR B 61 -14.82 12.29 -4.07
C THR B 61 -14.59 11.78 -2.62
N SER B 62 -14.06 10.55 -2.51
CA SER B 62 -13.69 9.84 -1.27
C SER B 62 -12.31 9.16 -1.48
N ASP B 63 -11.70 8.71 -0.38
CA ASP B 63 -10.43 8.03 -0.46
C ASP B 63 -10.63 6.48 -0.56
N PRO B 64 -9.57 5.64 -0.75
CA PRO B 64 -9.81 4.19 -0.96
C PRO B 64 -10.40 3.43 0.20
N ILE B 65 -10.11 3.83 1.45
CA ILE B 65 -10.66 3.16 2.65
C ILE B 65 -12.15 3.39 2.74
N THR B 66 -12.58 4.66 2.64
CA THR B 66 -13.99 5.05 2.71
C THR B 66 -14.75 4.32 1.62
N LYS B 67 -14.20 4.34 0.38
CA LYS B 67 -14.82 3.67 -0.76
C LYS B 67 -14.95 2.16 -0.52
N ALA B 68 -13.89 1.49 -0.04
CA ALA B 68 -13.90 0.05 0.24
C ALA B 68 -14.95 -0.31 1.29
N VAL B 69 -15.07 0.51 2.35
CA VAL B 69 -16.05 0.27 3.39
C VAL B 69 -17.50 0.45 2.84
N ARG B 70 -17.73 1.43 1.94
CA ARG B 70 -19.06 1.62 1.32
C ARG B 70 -19.39 0.41 0.44
N GLU B 71 -18.40 -0.05 -0.34
CA GLU B 71 -18.59 -1.16 -1.27
C GLU B 71 -18.73 -2.53 -0.62
N THR B 72 -18.05 -2.76 0.50
CA THR B 72 -18.04 -4.09 1.14
C THR B 72 -18.96 -4.19 2.34
N ILE B 73 -19.23 -3.08 3.00
CA ILE B 73 -20.11 -3.10 4.20
C ILE B 73 -21.43 -2.35 3.99
N ILE B 74 -21.36 -1.01 3.81
CA ILE B 74 -22.54 -0.15 3.80
C ILE B 74 -23.54 -0.51 2.70
N GLN B 75 -23.11 -0.51 1.44
CA GLN B 75 -23.98 -0.84 0.30
C GLN B 75 -24.51 -2.30 0.38
N PRO B 76 -23.69 -3.35 0.62
CA PRO B 76 -24.27 -4.70 0.72
C PRO B 76 -25.28 -4.88 1.86
N GLN B 77 -25.10 -4.17 3.00
CA GLN B 77 -26.06 -4.24 4.10
C GLN B 77 -27.40 -3.72 3.61
N LYS B 78 -27.40 -2.57 2.91
CA LYS B 78 -28.57 -1.95 2.29
C LYS B 78 -29.18 -2.87 1.24
N ASP B 79 -28.33 -3.53 0.41
CA ASP B 79 -28.81 -4.42 -0.66
C ASP B 79 -29.51 -5.65 -0.13
N ASN B 80 -28.94 -6.31 0.88
CA ASN B 80 -29.60 -7.47 1.50
C ASN B 80 -30.89 -7.03 2.21
N LEU B 81 -30.88 -5.86 2.86
CA LEU B 81 -32.05 -5.31 3.54
C LEU B 81 -33.20 -5.02 2.55
N ILE B 82 -32.90 -4.36 1.43
CA ILE B 82 -33.90 -4.10 0.37
C ILE B 82 -34.49 -5.41 -0.17
N GLU B 83 -33.65 -6.43 -0.42
CA GLU B 83 -34.09 -7.75 -0.90
C GLU B 83 -35.09 -8.34 0.08
N GLN B 84 -34.81 -8.24 1.41
CA GLN B 84 -35.70 -8.74 2.45
C GLN B 84 -37.02 -7.94 2.46
N ILE B 85 -36.96 -6.60 2.32
CA ILE B 85 -38.17 -5.76 2.26
C ILE B 85 -39.02 -6.21 1.05
N LEU B 86 -38.39 -6.39 -0.13
CA LEU B 86 -39.10 -6.83 -1.33
C LEU B 86 -39.77 -8.19 -1.13
N LYS B 87 -39.09 -9.11 -0.42
CA LYS B 87 -39.70 -10.43 -0.11
C LYS B 87 -40.88 -10.23 0.86
N ASP B 88 -40.71 -9.40 1.91
CA ASP B 88 -41.77 -9.12 2.89
C ASP B 88 -43.03 -8.55 2.25
N LEU B 89 -42.86 -7.72 1.21
CA LEU B 89 -43.95 -7.08 0.46
C LEU B 89 -44.89 -8.11 -0.18
N ALA B 90 -44.36 -9.30 -0.53
CA ALA B 90 -45.16 -10.40 -1.09
C ALA B 90 -46.13 -10.98 -0.07
N ALA B 91 -45.79 -10.90 1.22
CA ALA B 91 -46.62 -11.40 2.33
C ALA B 91 -47.61 -10.34 2.87
N LEU B 92 -47.68 -9.15 2.25
CA LEU B 92 -48.63 -8.13 2.66
C LEU B 92 -50.01 -8.49 2.10
N THR B 93 -51.06 -8.43 2.93
CA THR B 93 -52.43 -8.70 2.49
C THR B 93 -52.91 -7.51 1.63
N ASP B 94 -52.46 -6.29 1.97
CA ASP B 94 -52.79 -5.09 1.19
C ASP B 94 -51.87 -5.06 -0.05
N ARG B 95 -52.38 -5.59 -1.18
CA ARG B 95 -51.67 -5.69 -2.45
C ARG B 95 -51.46 -4.35 -3.10
N ASP B 96 -52.38 -3.40 -2.90
CA ASP B 96 -52.26 -2.03 -3.42
C ASP B 96 -51.04 -1.35 -2.77
N LEU B 97 -50.88 -1.50 -1.44
CA LEU B 97 -49.73 -0.95 -0.72
C LEU B 97 -48.43 -1.68 -1.09
N ALA B 98 -48.46 -3.03 -1.19
CA ALA B 98 -47.31 -3.87 -1.57
C ALA B 98 -46.77 -3.45 -2.94
N GLU B 99 -47.67 -3.24 -3.92
CA GLU B 99 -47.30 -2.83 -5.28
C GLU B 99 -46.81 -1.38 -5.32
N GLN B 100 -47.43 -0.48 -4.54
CA GLN B 100 -46.98 0.91 -4.51
C GLN B 100 -45.55 0.99 -3.95
N LYS B 101 -45.31 0.33 -2.81
CA LYS B 101 -44.02 0.31 -2.13
C LYS B 101 -42.94 -0.30 -3.03
N ARG B 102 -43.24 -1.40 -3.72
CA ARG B 102 -42.31 -2.07 -4.64
C ARG B 102 -41.88 -1.12 -5.76
N LYS B 103 -42.85 -0.43 -6.39
CA LYS B 103 -42.58 0.54 -7.47
C LYS B 103 -41.71 1.68 -6.96
N GLU B 104 -41.97 2.21 -5.72
CA GLU B 104 -41.17 3.26 -5.10
C GLU B 104 -39.72 2.83 -4.93
N ILE B 105 -39.49 1.60 -4.41
CA ILE B 105 -38.13 1.05 -4.21
C ILE B 105 -37.41 0.91 -5.56
N GLU B 106 -38.08 0.28 -6.55
CA GLU B 106 -37.49 0.04 -7.88
C GLU B 106 -37.14 1.30 -8.62
N GLU B 107 -38.01 2.32 -8.56
CA GLU B 107 -37.81 3.62 -9.21
C GLU B 107 -36.65 4.37 -8.56
N GLU B 108 -36.59 4.36 -7.24
CA GLU B 108 -35.50 5.01 -6.54
C GLU B 108 -34.12 4.33 -6.76
N LYS B 109 -34.09 2.98 -6.79
CA LYS B 109 -32.87 2.22 -7.03
C LYS B 109 -32.22 2.63 -8.37
N GLU B 110 -33.04 2.91 -9.40
CA GLU B 110 -32.61 3.33 -10.74
C GLU B 110 -31.97 4.72 -10.75
N LYS B 111 -32.40 5.60 -9.85
CA LYS B 111 -31.91 6.97 -9.73
C LYS B 111 -30.71 7.08 -8.77
N ASP B 112 -30.78 6.35 -7.64
CA ASP B 112 -29.79 6.41 -6.58
C ASP B 112 -29.69 5.06 -5.90
N LYS B 113 -28.62 4.29 -6.21
CA LYS B 113 -28.36 2.97 -5.63
C LYS B 113 -28.13 3.03 -4.09
N THR B 114 -27.71 4.20 -3.56
CA THR B 114 -27.49 4.42 -2.12
C THR B 114 -28.82 4.57 -1.37
N LEU B 115 -29.94 4.77 -2.11
CA LEU B 115 -31.32 4.91 -1.59
C LEU B 115 -31.45 5.91 -0.46
N SER B 116 -30.79 7.06 -0.63
CA SER B 116 -30.75 8.12 0.38
C SER B 116 -32.18 8.60 0.77
N THR B 117 -33.05 8.83 -0.23
CA THR B 117 -34.43 9.26 0.02
C THR B 117 -35.24 8.14 0.72
N PHE B 118 -35.11 6.89 0.24
CA PHE B 118 -35.78 5.75 0.87
C PHE B 118 -35.46 5.67 2.37
N PHE B 119 -34.16 5.65 2.75
CA PHE B 119 -33.76 5.49 4.14
C PHE B 119 -34.03 6.70 5.01
N GLY B 120 -34.12 7.88 4.41
CA GLY B 120 -34.44 9.10 5.16
C GLY B 120 -35.94 9.34 5.30
N ASN B 121 -36.78 8.46 4.71
CA ASN B 121 -38.24 8.66 4.75
C ASN B 121 -38.82 7.94 5.96
N PRO B 122 -39.41 8.65 6.97
CA PRO B 122 -39.98 7.93 8.14
C PRO B 122 -41.14 6.95 7.82
N ALA B 123 -41.78 7.10 6.65
CA ALA B 123 -42.84 6.15 6.23
C ALA B 123 -42.27 4.74 5.89
N ASN B 124 -40.93 4.61 5.71
CA ASN B 124 -40.32 3.30 5.43
C ASN B 124 -39.80 2.58 6.66
N ARG B 125 -39.82 3.25 7.82
CA ARG B 125 -39.31 2.73 9.09
C ARG B 125 -39.93 1.38 9.48
N GLU B 126 -41.26 1.22 9.39
CA GLU B 126 -41.91 -0.04 9.74
C GLU B 126 -41.48 -1.19 8.80
N PHE B 127 -41.31 -0.91 7.48
CA PHE B 127 -40.84 -1.90 6.52
C PHE B 127 -39.41 -2.30 6.83
N ILE B 128 -38.56 -1.30 7.17
CA ILE B 128 -37.15 -1.51 7.48
C ILE B 128 -37.06 -2.36 8.76
N ASP B 129 -37.78 -1.94 9.81
CA ASP B 129 -37.81 -2.62 11.12
C ASP B 129 -38.29 -4.05 11.04
N LYS B 130 -39.36 -4.32 10.25
CA LYS B 130 -39.86 -5.69 10.09
C LYS B 130 -38.88 -6.59 9.33
N ALA B 131 -38.14 -6.03 8.36
CA ALA B 131 -37.15 -6.81 7.61
C ALA B 131 -35.94 -7.14 8.50
N LEU B 132 -35.49 -6.16 9.31
CA LEU B 132 -34.35 -6.28 10.22
C LEU B 132 -34.50 -7.33 11.33
N GLU B 133 -35.73 -7.70 11.68
CA GLU B 133 -35.99 -8.73 12.68
C GLU B 133 -36.01 -10.15 12.08
N LYS B 134 -35.79 -10.29 10.76
CA LYS B 134 -35.79 -11.62 10.13
C LYS B 134 -34.42 -12.29 10.34
N PRO B 135 -34.40 -13.49 10.98
CA PRO B 135 -33.11 -14.21 11.18
C PRO B 135 -32.42 -14.55 9.85
N GLU B 136 -33.19 -14.82 8.77
CA GLU B 136 -32.61 -15.12 7.44
C GLU B 136 -31.81 -13.92 6.91
N LEU B 137 -32.28 -12.67 7.14
CA LEU B 137 -31.53 -11.47 6.78
C LEU B 137 -30.30 -11.34 7.69
N LYS B 138 -30.47 -11.48 9.02
CA LYS B 138 -29.38 -11.37 10.00
C LYS B 138 -28.19 -12.26 9.64
N LYS B 139 -28.48 -13.51 9.26
CA LYS B 139 -27.49 -14.50 8.82
C LYS B 139 -26.69 -13.99 7.61
N LYS B 140 -27.38 -13.34 6.64
CA LYS B 140 -26.73 -12.79 5.43
C LYS B 140 -25.84 -11.60 5.83
N LEU B 141 -26.36 -10.71 6.66
CA LEU B 141 -25.60 -9.53 7.10
C LEU B 141 -24.33 -9.95 7.81
N GLU B 142 -24.43 -10.94 8.72
CA GLU B 142 -23.28 -11.45 9.46
C GLU B 142 -22.17 -11.98 8.58
N SER B 143 -22.54 -12.78 7.58
CA SER B 143 -21.62 -13.39 6.64
C SER B 143 -20.87 -12.33 5.85
N ILE B 144 -21.57 -11.32 5.33
CA ILE B 144 -20.94 -10.27 4.53
C ILE B 144 -20.15 -9.30 5.41
N GLU B 145 -20.52 -9.12 6.69
CA GLU B 145 -19.78 -8.26 7.62
C GLU B 145 -18.42 -8.82 7.98
N ILE B 146 -18.34 -10.12 8.36
CA ILE B 146 -17.11 -10.79 8.71
C ILE B 146 -16.17 -10.82 7.50
N ALA B 147 -16.71 -11.21 6.31
CA ALA B 147 -15.92 -11.27 5.07
C ALA B 147 -15.53 -9.86 4.62
N GLY B 148 -16.44 -8.90 4.77
CA GLY B 148 -16.22 -7.50 4.41
C GLY B 148 -15.10 -6.86 5.19
N TYR B 149 -15.12 -6.99 6.55
CA TYR B 149 -14.08 -6.43 7.41
C TYR B 149 -12.73 -7.09 7.15
N LYS B 150 -12.73 -8.43 6.94
CA LYS B 150 -11.53 -9.20 6.63
C LYS B 150 -10.91 -8.74 5.34
N ASN B 151 -11.73 -8.53 4.30
CA ASN B 151 -11.23 -8.08 3.00
C ASN B 151 -10.67 -6.68 3.06
N VAL B 152 -11.33 -5.78 3.80
CA VAL B 152 -10.84 -4.40 3.96
C VAL B 152 -9.48 -4.42 4.71
N HIS B 153 -9.40 -5.12 5.86
CA HIS B 153 -8.16 -5.16 6.62
C HIS B 153 -7.07 -5.94 5.91
N ASN B 154 -7.39 -6.99 5.15
CA ASN B 154 -6.35 -7.68 4.38
C ASN B 154 -5.86 -6.88 3.18
N THR B 155 -6.72 -6.04 2.58
CA THR B 155 -6.31 -5.25 1.41
C THR B 155 -5.46 -4.05 1.84
N PHE B 156 -5.82 -3.40 2.94
CA PHE B 156 -5.14 -2.17 3.34
C PHE B 156 -4.25 -2.26 4.58
N SER B 157 -3.95 -3.47 5.06
CA SER B 157 -3.08 -3.65 6.23
C SER B 157 -1.62 -3.35 5.83
N ALA B 158 -0.84 -2.72 6.72
CA ALA B 158 0.57 -2.44 6.45
C ALA B 158 1.35 -3.76 6.39
N ALA B 159 0.99 -4.73 7.29
CA ALA B 159 1.60 -6.08 7.38
C ALA B 159 1.33 -6.95 6.15
N SER B 160 0.29 -6.61 5.37
CA SER B 160 -0.12 -7.29 4.14
C SER B 160 0.55 -6.70 2.92
N GLY B 161 1.26 -5.60 3.09
CA GLY B 161 1.97 -4.96 1.98
C GLY B 161 1.52 -3.57 1.56
N TYR B 162 0.40 -3.08 2.08
CA TYR B 162 -0.12 -1.75 1.76
C TYR B 162 0.69 -0.67 2.53
N PRO B 163 1.57 0.10 1.83
CA PRO B 163 2.39 1.11 2.54
C PRO B 163 1.57 2.20 3.22
N GLY B 164 1.86 2.45 4.48
CA GLY B 164 1.11 3.39 5.31
C GLY B 164 -0.30 2.91 5.63
N GLY B 165 -0.57 1.62 5.39
CA GLY B 165 -1.86 0.99 5.65
C GLY B 165 -2.16 0.76 7.12
N PHE B 166 -3.22 -0.03 7.44
CA PHE B 166 -3.63 -0.31 8.83
C PHE B 166 -2.51 -0.91 9.66
N LYS B 167 -2.34 -0.37 10.85
CA LYS B 167 -1.38 -0.81 11.85
C LYS B 167 -2.14 -0.92 13.19
N PRO B 168 -1.74 -1.79 14.13
CA PRO B 168 -2.47 -1.87 15.41
C PRO B 168 -2.41 -0.53 16.14
N VAL B 169 -3.53 -0.13 16.77
CA VAL B 169 -3.57 1.12 17.53
C VAL B 169 -2.61 0.97 18.73
N GLN B 170 -1.76 1.99 18.96
CA GLN B 170 -0.81 1.93 20.08
C GLN B 170 -1.41 2.64 21.29
N TRP B 171 -2.27 1.94 22.04
CA TRP B 171 -2.92 2.46 23.25
C TRP B 171 -1.92 2.49 24.37
N GLU B 172 -1.88 3.59 25.11
CA GLU B 172 -1.02 3.75 26.28
C GLU B 172 -1.92 3.96 27.51
N ASN B 173 -1.52 3.47 28.70
CA ASN B 173 -2.24 3.78 29.93
C ASN B 173 -2.13 5.28 30.17
N HIS B 174 -3.26 5.93 30.48
CA HIS B 174 -3.27 7.37 30.75
C HIS B 174 -3.84 7.61 32.15
N VAL B 175 -3.13 8.41 32.97
CA VAL B 175 -3.55 8.74 34.34
C VAL B 175 -4.96 9.36 34.34
N SER B 176 -5.86 8.80 35.17
CA SER B 176 -7.25 9.21 35.28
C SER B 176 -7.93 8.52 36.47
N ALA B 177 -9.11 9.07 36.88
CA ALA B 177 -9.98 8.50 37.90
C ALA B 177 -10.80 7.34 37.21
N SER B 178 -10.76 7.27 35.87
CA SER B 178 -11.40 6.23 35.06
C SER B 178 -10.34 5.21 34.64
N ASP B 179 -10.78 4.06 34.10
CA ASP B 179 -9.87 3.08 33.51
C ASP B 179 -9.69 3.61 32.11
N LEU B 180 -8.64 4.43 31.96
CA LEU B 180 -8.35 5.11 30.72
C LEU B 180 -7.08 4.71 30.03
N ARG B 181 -7.20 4.55 28.71
CA ARG B 181 -6.09 4.39 27.78
C ARG B 181 -6.30 5.50 26.76
N ALA B 182 -5.21 5.96 26.17
CA ALA B 182 -5.24 7.04 25.21
C ALA B 182 -4.22 6.80 24.14
N THR B 183 -4.47 7.36 22.96
CA THR B 183 -3.55 7.27 21.84
C THR B 183 -3.52 8.61 21.10
N VAL B 184 -2.32 9.16 20.91
CA VAL B 184 -2.13 10.42 20.19
C VAL B 184 -1.97 10.04 18.72
N VAL B 185 -2.95 10.41 17.89
CA VAL B 185 -2.95 10.09 16.46
C VAL B 185 -2.15 11.20 15.75
N LYS B 186 -1.00 10.83 15.19
CA LYS B 186 -0.11 11.81 14.53
C LYS B 186 0.02 11.59 13.03
N ASN B 187 0.07 12.68 12.26
CA ASN B 187 0.28 12.59 10.80
C ASN B 187 1.75 12.34 10.43
N ASP B 188 2.03 12.23 9.12
CA ASP B 188 3.37 11.97 8.55
C ASP B 188 4.45 12.96 9.04
N ALA B 189 4.06 14.23 9.27
CA ALA B 189 4.94 15.29 9.78
C ALA B 189 5.12 15.25 11.31
N GLY B 190 4.40 14.34 11.98
CA GLY B 190 4.48 14.16 13.42
C GLY B 190 3.58 15.09 14.23
N ASP B 191 2.64 15.77 13.56
CA ASP B 191 1.69 16.67 14.23
C ASP B 191 0.43 15.89 14.59
N GLU B 192 -0.11 16.18 15.78
CA GLU B 192 -1.29 15.53 16.31
C GLU B 192 -2.59 15.91 15.58
N LEU B 193 -3.27 14.91 14.99
CA LEU B 193 -4.57 15.05 14.34
C LEU B 193 -5.62 15.14 15.44
N CYS B 194 -5.47 14.30 16.48
CA CYS B 194 -6.35 14.19 17.67
C CYS B 194 -5.73 13.19 18.64
N THR B 195 -6.27 13.14 19.86
CA THR B 195 -5.95 12.07 20.81
C THR B 195 -7.25 11.31 21.00
N LEU B 196 -7.19 9.98 21.06
CA LEU B 196 -8.38 9.16 21.27
C LEU B 196 -8.38 8.68 22.69
N ASN B 197 -9.51 8.78 23.35
CA ASN B 197 -9.63 8.34 24.72
C ASN B 197 -10.53 7.14 24.80
N GLU B 198 -10.02 6.06 25.39
CA GLU B 198 -10.74 4.80 25.59
C GLU B 198 -11.04 4.64 27.07
N THR B 199 -12.33 4.61 27.44
CA THR B 199 -12.78 4.41 28.81
C THR B 199 -13.29 3.00 28.93
N THR B 200 -12.71 2.21 29.84
CA THR B 200 -13.17 0.84 30.08
C THR B 200 -14.09 0.90 31.32
N VAL B 201 -15.28 0.33 31.22
CA VAL B 201 -16.22 0.28 32.34
C VAL B 201 -16.19 -1.16 32.85
N LYS B 202 -15.72 -1.37 34.09
CA LYS B 202 -15.58 -2.70 34.70
C LYS B 202 -16.44 -2.86 35.93
N THR B 203 -17.08 -1.79 36.38
CA THR B 203 -17.83 -1.80 37.63
C THR B 203 -19.32 -1.51 37.48
N LYS B 204 -19.84 -1.60 36.24
CA LYS B 204 -21.26 -1.35 36.01
C LYS B 204 -21.87 -2.57 35.28
N PRO B 205 -21.99 -3.74 35.95
CA PRO B 205 -22.58 -4.90 35.26
C PRO B 205 -24.04 -4.66 34.92
N PHE B 206 -24.48 -5.26 33.82
CA PHE B 206 -25.85 -5.22 33.39
C PHE B 206 -26.14 -6.47 32.59
N THR B 207 -27.42 -6.83 32.51
CA THR B 207 -27.88 -7.96 31.72
C THR B 207 -28.72 -7.48 30.53
N LEU B 208 -28.49 -8.08 29.37
CA LEU B 208 -29.27 -7.83 28.18
C LEU B 208 -29.86 -9.17 27.69
N ALA B 209 -30.70 -9.14 26.68
CA ALA B 209 -31.26 -10.38 26.17
C ALA B 209 -30.95 -10.54 24.69
N LYS B 210 -30.67 -11.78 24.26
CA LYS B 210 -30.49 -12.10 22.84
C LYS B 210 -31.90 -12.11 22.22
N GLN B 211 -32.01 -12.08 20.88
CA GLN B 211 -33.32 -12.10 20.20
C GLN B 211 -34.21 -13.28 20.65
N ASP B 212 -33.60 -14.42 21.01
CA ASP B 212 -34.28 -15.62 21.48
C ASP B 212 -34.64 -15.59 22.99
N GLY B 213 -34.38 -14.47 23.66
CA GLY B 213 -34.68 -14.30 25.09
C GLY B 213 -33.58 -14.67 26.07
N THR B 214 -32.53 -15.39 25.62
CA THR B 214 -31.38 -15.78 26.47
C THR B 214 -30.75 -14.53 27.11
N GLN B 215 -30.54 -14.55 28.44
CA GLN B 215 -29.95 -13.45 29.23
C GLN B 215 -28.42 -13.53 29.21
N VAL B 216 -27.75 -12.40 28.93
CA VAL B 216 -26.28 -12.35 28.89
C VAL B 216 -25.82 -11.21 29.80
N GLN B 217 -24.93 -11.51 30.74
CA GLN B 217 -24.37 -10.45 31.57
C GLN B 217 -23.15 -9.85 30.88
N ILE B 218 -23.10 -8.51 30.79
CA ILE B 218 -21.96 -7.77 30.26
C ILE B 218 -21.20 -7.35 31.51
N SER B 219 -20.04 -7.93 31.75
CA SER B 219 -19.26 -7.60 32.96
C SER B 219 -18.20 -6.53 32.67
N SER B 220 -17.93 -6.22 31.41
CA SER B 220 -16.97 -5.17 31.04
C SER B 220 -17.20 -4.74 29.62
N TYR B 221 -17.02 -3.45 29.35
CA TYR B 221 -17.15 -2.89 28.00
C TYR B 221 -16.29 -1.63 27.92
N ARG B 222 -16.08 -1.10 26.72
CA ARG B 222 -15.32 0.15 26.58
C ARG B 222 -16.08 1.11 25.68
N GLU B 223 -15.71 2.38 25.76
CA GLU B 223 -16.28 3.38 24.89
C GLU B 223 -15.16 4.31 24.46
N ILE B 224 -15.14 4.69 23.19
CA ILE B 224 -14.13 5.61 22.69
C ILE B 224 -14.76 6.95 22.37
N ASP B 225 -14.13 8.02 22.82
CA ASP B 225 -14.62 9.36 22.58
C ASP B 225 -14.23 9.87 21.17
N PHE B 226 -14.83 9.27 20.13
CA PHE B 226 -14.51 9.63 18.74
C PHE B 226 -14.75 11.12 18.45
N PRO B 227 -13.78 11.85 17.85
CA PRO B 227 -14.02 13.28 17.57
C PRO B 227 -15.05 13.47 16.48
N ILE B 228 -15.84 14.54 16.57
CA ILE B 228 -16.87 14.90 15.59
C ILE B 228 -16.22 15.88 14.63
N LYS B 229 -15.71 16.97 15.17
CA LYS B 229 -15.03 18.03 14.41
C LYS B 229 -13.62 18.17 14.93
N LEU B 230 -12.65 18.14 14.02
CA LEU B 230 -11.26 18.24 14.40
C LEU B 230 -10.72 19.60 13.99
N ASP B 231 -9.89 20.18 14.86
CA ASP B 231 -9.30 21.50 14.64
C ASP B 231 -7.79 21.51 14.95
N GLN B 232 -7.12 20.36 14.76
CA GLN B 232 -5.68 20.28 15.05
C GLN B 232 -4.87 20.15 13.75
N ALA B 233 -4.03 19.12 13.59
CA ALA B 233 -3.23 18.94 12.37
C ALA B 233 -4.07 18.52 11.17
N ASP B 234 -3.56 18.82 9.95
CA ASP B 234 -4.21 18.46 8.68
C ASP B 234 -4.05 16.97 8.40
N GLY B 235 -4.95 16.42 7.58
CA GLY B 235 -4.88 15.02 7.16
C GLY B 235 -6.15 14.22 7.20
N SER B 236 -6.01 12.91 6.96
CA SER B 236 -7.07 11.90 6.94
C SER B 236 -6.75 10.87 8.00
N MET B 237 -7.77 10.17 8.47
CA MET B 237 -7.64 9.19 9.53
C MET B 237 -8.77 8.16 9.43
N HIS B 238 -8.41 6.86 9.50
CA HIS B 238 -9.40 5.80 9.49
C HIS B 238 -9.18 4.93 10.70
N LEU B 239 -10.25 4.63 11.42
CA LEU B 239 -10.21 3.87 12.65
C LEU B 239 -11.05 2.64 12.56
N SER B 240 -10.54 1.54 13.08
N SER B 240 -10.54 1.51 13.05
CA SER B 240 -11.24 0.27 13.12
CA SER B 240 -11.24 0.22 13.10
C SER B 240 -11.11 -0.26 14.54
C SER B 240 -11.12 -0.31 14.51
N MET B 241 -12.20 -0.21 15.30
CA MET B 241 -12.23 -0.63 16.69
C MET B 241 -13.01 -1.91 16.84
N VAL B 242 -12.31 -2.95 17.29
CA VAL B 242 -12.89 -4.29 17.40
C VAL B 242 -13.99 -4.37 18.49
N ALA B 243 -14.99 -5.22 18.23
CA ALA B 243 -16.08 -5.53 19.14
C ALA B 243 -15.49 -6.30 20.30
N LEU B 244 -16.04 -6.16 21.52
CA LEU B 244 -15.53 -6.91 22.66
C LEU B 244 -16.57 -7.93 23.05
N LYS B 245 -16.11 -9.07 23.59
CA LYS B 245 -16.99 -10.11 24.12
C LYS B 245 -17.63 -9.61 25.44
N ALA B 246 -18.65 -10.34 25.97
CA ALA B 246 -19.36 -9.95 27.21
C ALA B 246 -18.44 -9.72 28.42
N ASP B 247 -17.27 -10.39 28.47
CA ASP B 247 -16.31 -10.25 29.58
C ASP B 247 -15.21 -9.19 29.30
N GLY B 248 -15.40 -8.44 28.22
CA GLY B 248 -14.48 -7.38 27.83
C GLY B 248 -13.22 -7.80 27.11
N THR B 249 -13.12 -9.08 26.70
CA THR B 249 -11.95 -9.56 25.97
C THR B 249 -12.19 -9.49 24.46
N LYS B 250 -11.10 -9.44 23.68
CA LYS B 250 -11.17 -9.35 22.22
C LYS B 250 -11.55 -10.69 21.60
N PRO B 251 -12.36 -10.72 20.52
CA PRO B 251 -12.68 -12.00 19.89
C PRO B 251 -11.50 -12.47 19.03
N SER B 252 -11.61 -13.67 18.45
CA SER B 252 -10.58 -14.12 17.52
C SER B 252 -10.78 -13.38 16.17
N LYS B 253 -9.72 -13.28 15.38
CA LYS B 253 -9.71 -12.66 14.05
C LYS B 253 -10.84 -13.21 13.13
N ASP B 254 -11.14 -14.52 13.24
CA ASP B 254 -12.18 -15.18 12.42
C ASP B 254 -13.64 -14.77 12.74
N LYS B 255 -13.90 -14.30 13.95
CA LYS B 255 -15.24 -13.92 14.39
C LYS B 255 -15.40 -12.41 14.57
N ALA B 256 -14.29 -11.67 14.44
CA ALA B 256 -14.20 -10.24 14.68
C ALA B 256 -14.99 -9.35 13.74
N VAL B 257 -15.76 -8.45 14.36
CA VAL B 257 -16.49 -7.39 13.68
C VAL B 257 -16.03 -6.08 14.34
N TYR B 258 -16.26 -4.94 13.68
CA TYR B 258 -15.71 -3.66 14.08
C TYR B 258 -16.68 -2.52 13.96
N PHE B 259 -16.38 -1.44 14.70
CA PHE B 259 -16.99 -0.15 14.53
C PHE B 259 -15.91 0.65 13.79
N THR B 260 -16.20 1.19 12.61
CA THR B 260 -15.20 1.95 11.86
C THR B 260 -15.62 3.40 11.72
N ALA B 261 -14.64 4.31 11.57
CA ALA B 261 -14.87 5.75 11.44
C ALA B 261 -13.86 6.27 10.44
N HIS B 262 -14.34 7.04 9.47
CA HIS B 262 -13.60 7.52 8.32
C HIS B 262 -13.59 9.03 8.20
N TYR B 263 -12.41 9.61 8.43
CA TYR B 263 -12.18 11.05 8.42
C TYR B 263 -11.28 11.38 7.25
N GLU B 264 -11.75 12.23 6.34
CA GLU B 264 -10.96 12.61 5.19
C GLU B 264 -10.65 14.07 5.25
N GLU B 265 -9.48 14.45 4.74
CA GLU B 265 -9.02 15.84 4.69
C GLU B 265 -10.10 16.71 4.03
N GLY B 266 -10.64 17.64 4.81
CA GLY B 266 -11.67 18.58 4.37
C GLY B 266 -11.11 19.77 3.59
N PRO B 267 -11.97 20.78 3.27
CA PRO B 267 -11.48 21.95 2.50
C PRO B 267 -10.45 22.82 3.24
N ASN B 268 -10.56 22.90 4.59
CA ASN B 268 -9.65 23.65 5.46
C ASN B 268 -8.38 22.84 5.83
N GLY B 269 -8.29 21.60 5.34
CA GLY B 269 -7.19 20.67 5.61
C GLY B 269 -7.43 19.75 6.78
N LYS B 270 -8.42 20.07 7.64
CA LYS B 270 -8.72 19.28 8.83
C LYS B 270 -9.49 17.97 8.53
N PRO B 271 -9.23 16.87 9.28
CA PRO B 271 -9.99 15.62 9.05
C PRO B 271 -11.48 15.87 9.26
N GLN B 272 -12.29 15.44 8.32
CA GLN B 272 -13.74 15.62 8.34
C GLN B 272 -14.40 14.25 8.36
N LEU B 273 -15.32 14.02 9.33
CA LEU B 273 -16.00 12.74 9.44
C LEU B 273 -16.94 12.52 8.25
N LYS B 274 -16.59 11.55 7.38
CA LYS B 274 -17.34 11.28 6.15
C LYS B 274 -18.19 10.04 6.23
N GLU B 275 -17.76 9.08 7.04
CA GLU B 275 -18.45 7.80 7.09
C GLU B 275 -18.14 7.06 8.36
N ILE B 276 -19.05 6.16 8.72
CA ILE B 276 -18.91 5.21 9.82
C ILE B 276 -19.49 3.89 9.32
N SER B 277 -19.21 2.80 10.03
CA SER B 277 -19.84 1.51 9.73
C SER B 277 -19.82 0.65 10.98
N SER B 278 -20.69 -0.36 10.99
CA SER B 278 -20.75 -1.35 12.04
C SER B 278 -21.58 -2.53 11.55
N PRO B 279 -21.54 -3.68 12.26
CA PRO B 279 -22.53 -4.73 11.95
C PRO B 279 -23.95 -4.17 12.18
N LYS B 280 -24.94 -4.64 11.41
CA LYS B 280 -26.32 -4.17 11.47
C LYS B 280 -27.33 -5.31 11.67
N PRO B 281 -28.50 -5.08 12.29
CA PRO B 281 -28.92 -3.84 12.99
C PRO B 281 -28.09 -3.65 14.27
N LEU B 282 -27.80 -2.41 14.61
CA LEU B 282 -27.06 -2.07 15.82
C LEU B 282 -28.03 -1.92 17.00
N LYS B 283 -27.69 -2.48 18.15
CA LYS B 283 -28.53 -2.30 19.36
C LYS B 283 -27.81 -1.40 20.35
N PHE B 284 -28.56 -0.81 21.29
CA PHE B 284 -28.03 0.00 22.39
C PHE B 284 -28.59 -0.58 23.67
N ALA B 285 -27.70 -0.75 24.64
CA ALA B 285 -28.01 -1.31 25.95
C ALA B 285 -28.63 -0.21 26.83
N GLY B 286 -29.91 0.07 26.64
CA GLY B 286 -30.60 1.14 27.36
C GLY B 286 -31.03 2.24 26.41
N THR B 287 -31.67 3.27 26.96
CA THR B 287 -32.30 4.40 26.27
C THR B 287 -31.50 5.71 26.35
N GLY B 288 -30.61 5.82 27.32
CA GLY B 288 -29.83 7.04 27.51
C GLY B 288 -28.71 7.19 26.51
N ASP B 289 -28.05 8.35 26.55
CA ASP B 289 -26.91 8.68 25.70
C ASP B 289 -25.68 7.86 26.04
N ASP B 290 -25.61 7.34 27.28
CA ASP B 290 -24.51 6.50 27.77
C ASP B 290 -24.72 5.00 27.43
N ALA B 291 -25.87 4.62 26.85
CA ALA B 291 -26.12 3.23 26.50
C ALA B 291 -25.07 2.75 25.46
N ILE B 292 -24.42 1.63 25.74
CA ILE B 292 -23.37 1.11 24.90
C ILE B 292 -23.96 0.34 23.72
N ALA B 293 -23.31 0.45 22.56
CA ALA B 293 -23.72 -0.26 21.35
C ALA B 293 -23.42 -1.73 21.57
N TYR B 294 -24.30 -2.60 21.11
CA TYR B 294 -24.06 -4.03 21.15
C TYR B 294 -24.68 -4.68 19.93
N ILE B 295 -24.23 -5.89 19.63
CA ILE B 295 -24.71 -6.73 18.53
C ILE B 295 -24.69 -8.17 18.99
N GLU B 296 -25.55 -8.95 18.36
CA GLU B 296 -25.57 -10.40 18.45
C GLU B 296 -24.95 -10.78 17.13
N HIS B 297 -23.92 -11.63 17.13
CA HIS B 297 -23.19 -12.01 15.92
C HIS B 297 -22.72 -13.43 16.11
N GLY B 298 -23.12 -14.32 15.18
CA GLY B 298 -22.81 -15.74 15.26
C GLY B 298 -23.31 -16.38 16.55
N GLY B 299 -24.46 -15.90 17.04
CA GLY B 299 -25.06 -16.37 18.29
C GLY B 299 -24.43 -15.86 19.58
N GLU B 300 -23.44 -14.94 19.48
CA GLU B 300 -22.76 -14.38 20.66
C GLU B 300 -23.01 -12.88 20.74
N ILE B 301 -22.90 -12.32 21.95
CA ILE B 301 -23.08 -10.90 22.20
C ILE B 301 -21.73 -10.22 22.27
N TYR B 302 -21.63 -9.07 21.59
CA TYR B 302 -20.45 -8.23 21.62
C TYR B 302 -20.90 -6.81 21.82
N THR B 303 -20.07 -6.00 22.48
CA THR B 303 -20.36 -4.56 22.58
C THR B 303 -19.41 -3.87 21.63
N LEU B 304 -19.78 -2.67 21.16
CA LEU B 304 -18.92 -1.85 20.31
C LEU B 304 -18.48 -0.67 21.16
N ALA B 305 -17.40 0.04 20.78
CA ALA B 305 -16.81 1.13 21.56
C ALA B 305 -17.48 2.47 21.33
N VAL B 306 -18.79 2.47 21.14
CA VAL B 306 -19.53 3.70 20.86
C VAL B 306 -20.83 3.75 21.66
N THR B 307 -21.10 4.89 22.30
CA THR B 307 -22.34 5.00 23.03
C THR B 307 -23.45 5.49 22.09
N ARG B 308 -24.69 5.46 22.55
CA ARG B 308 -25.83 5.94 21.77
C ARG B 308 -25.69 7.42 21.43
N GLY B 309 -25.29 8.21 22.42
CA GLY B 309 -25.09 9.64 22.28
C GLY B 309 -24.03 9.96 21.27
N LYS B 310 -22.90 9.23 21.32
CA LYS B 310 -21.79 9.42 20.37
C LYS B 310 -22.19 8.95 18.96
N TYR B 311 -22.86 7.81 18.87
CA TYR B 311 -23.34 7.27 17.60
C TYR B 311 -24.27 8.25 16.89
N LYS B 312 -25.28 8.82 17.61
CA LYS B 312 -26.19 9.83 17.03
C LYS B 312 -25.43 11.09 16.56
N GLU B 313 -24.43 11.58 17.34
CA GLU B 313 -23.59 12.74 16.94
C GLU B 313 -22.79 12.43 15.66
N MET B 314 -22.20 11.22 15.58
CA MET B 314 -21.42 10.78 14.41
C MET B 314 -22.34 10.59 13.21
N MET B 315 -23.53 9.99 13.43
CA MET B 315 -24.51 9.81 12.34
C MET B 315 -24.90 11.19 11.77
N LYS B 316 -25.19 12.17 12.65
CA LYS B 316 -25.52 13.54 12.26
C LYS B 316 -24.41 14.20 11.40
N GLU B 317 -23.13 14.13 11.82
CA GLU B 317 -22.00 14.70 11.09
C GLU B 317 -21.79 14.00 9.72
N VAL B 318 -21.89 12.66 9.69
CA VAL B 318 -21.77 11.84 8.47
C VAL B 318 -22.82 12.31 7.42
N GLU B 319 -24.08 12.46 7.84
CA GLU B 319 -25.19 12.92 6.98
C GLU B 319 -24.96 14.33 6.46
N LEU B 320 -24.49 15.26 7.33
CA LEU B 320 -24.19 16.63 6.91
C LEU B 320 -23.05 16.65 5.87
N ASN B 321 -22.13 15.67 5.93
CA ASN B 321 -20.99 15.54 5.02
C ASN B 321 -21.28 14.60 3.83
N GLN B 322 -22.58 14.36 3.56
CA GLN B 322 -23.10 13.56 2.45
C GLN B 322 -22.66 12.11 2.46
N GLY B 323 -22.50 11.54 3.65
CA GLY B 323 -22.13 10.12 3.78
C GLY B 323 -23.29 9.21 3.39
N GLN B 324 -22.99 7.94 3.25
CA GLN B 324 -23.99 6.95 2.84
C GLN B 324 -24.55 6.13 4.00
N SER B 325 -23.96 6.25 5.18
CA SER B 325 -24.42 5.49 6.34
C SER B 325 -25.86 5.76 6.64
N VAL B 326 -26.57 4.68 7.00
CA VAL B 326 -27.95 4.80 7.45
C VAL B 326 -28.00 4.25 8.89
N ASP B 327 -28.84 4.84 9.74
CA ASP B 327 -28.87 4.55 11.16
C ASP B 327 -29.07 3.04 11.50
N LEU B 328 -30.18 2.42 11.14
CA LEU B 328 -30.45 0.98 11.37
C LEU B 328 -30.11 0.50 12.81
N SER B 329 -30.59 1.26 13.79
CA SER B 329 -30.31 0.94 15.19
C SER B 329 -31.54 1.01 16.09
N GLN B 330 -31.51 0.28 17.20
CA GLN B 330 -32.65 0.25 18.13
C GLN B 330 -32.14 0.18 19.57
N ALA B 331 -32.68 1.05 20.44
CA ALA B 331 -32.40 1.02 21.87
C ALA B 331 -33.19 -0.21 22.40
N GLU B 332 -32.55 -1.00 23.26
CA GLU B 332 -33.16 -2.20 23.80
C GLU B 332 -33.19 -2.12 25.32
N ASP B 333 -34.00 -2.96 25.93
CA ASP B 333 -34.16 -3.03 27.38
C ASP B 333 -33.00 -3.74 28.05
N ILE B 334 -32.61 -3.30 29.25
CA ILE B 334 -31.57 -3.93 30.03
C ILE B 334 -31.91 -3.91 31.52
N ILE B 335 -31.19 -4.71 32.31
CA ILE B 335 -31.31 -4.75 33.77
C ILE B 335 -29.94 -4.31 34.27
N ILE B 336 -29.88 -3.20 34.99
CA ILE B 336 -28.59 -2.71 35.49
C ILE B 336 -28.39 -3.24 36.91
N GLY B 337 -27.25 -3.88 37.16
CA GLY B 337 -26.95 -4.40 38.48
C GLY B 337 -26.40 -5.80 38.45
N GLN B 338 -26.22 -6.40 39.65
CA GLN B 338 -25.66 -7.76 39.80
C GLN B 338 -26.65 -8.78 39.25
N GLY B 339 -26.10 -9.86 38.70
CA GLY B 339 -26.87 -10.97 38.13
C GLY B 339 -27.16 -12.06 39.13
#